data_3TY2
#
_entry.id   3TY2
#
_cell.length_a   77.331
_cell.length_b   95.953
_cell.length_c   69.060
_cell.angle_alpha   90.000
_cell.angle_beta   90.000
_cell.angle_gamma   90.000
#
_symmetry.space_group_name_H-M   'P 21 21 2'
#
loop_
_entity.id
_entity.type
_entity.pdbx_description
1 polymer "5'-nucleotidase surE"
2 non-polymer 2-AMINO-2-HYDROXYMETHYL-PROPANE-1,3-DIOL
3 water water
#
_entity_poly.entity_id   1
_entity_poly.type   'polypeptide(L)'
_entity_poly.pdbx_seq_one_letter_code
;SNA(MSE)KKTATPKLRLLLSNDDGVYAKGLAILAKTLADLGEVDVVAPDRNRSGASNSLTLNAPLHIKNLENG(MSE)I
SVEGTPTDCVHLAITGVLPE(MSE)PD(MSE)VVAGINAGPNLGDDVWYSGTVAAA(MSE)EGRFLGLPALAVSLGGELF
RYYETAAKVVYQLIQRIEKDPLPPSTILNINVPDLPYEELKGFEVTRLGTRHRAEPTIRQIDPRGHPIYWVGAAGPEQDS
GPGTDFFA(MSE)NHHCVSITPLRVDLTHYEAFDQLASWVKRLE(MSE)
;
_entity_poly.pdbx_strand_id   A,B
#
loop_
_chem_comp.id
_chem_comp.type
_chem_comp.name
_chem_comp.formula
TRS non-polymer 2-AMINO-2-HYDROXYMETHYL-PROPANE-1,3-DIOL 'C4 H12 N O3 1'
#
# COMPACT_ATOMS: atom_id res chain seq x y z
N LYS A 11 -7.09 15.78 28.14
CA LYS A 11 -7.95 15.99 26.98
C LYS A 11 -7.50 15.13 25.78
N LEU A 12 -8.46 14.49 25.13
CA LEU A 12 -8.21 13.64 23.97
C LEU A 12 -7.56 14.42 22.83
N ARG A 13 -6.50 13.86 22.25
CA ARG A 13 -5.84 14.50 21.11
C ARG A 13 -6.07 13.70 19.83
N LEU A 14 -6.68 14.36 18.83
CA LEU A 14 -6.95 13.69 17.56
C LEU A 14 -6.11 14.30 16.44
N LEU A 15 -5.48 13.45 15.65
CA LEU A 15 -4.79 13.93 14.45
C LEU A 15 -5.66 13.59 13.24
N LEU A 16 -6.04 14.60 12.46
CA LEU A 16 -6.88 14.39 11.29
C LEU A 16 -6.08 14.60 10.01
N SER A 17 -6.27 13.74 9.02
CA SER A 17 -5.66 13.93 7.72
C SER A 17 -6.65 13.46 6.68
N ASN A 18 -6.25 13.49 5.43
CA ASN A 18 -7.06 12.94 4.34
C ASN A 18 -6.22 12.77 3.09
N ASP A 19 -6.84 12.38 1.98
CA ASP A 19 -6.11 12.37 0.71
C ASP A 19 -6.75 13.26 -0.37
N ASP A 20 -7.88 13.88 -0.06
CA ASP A 20 -8.53 14.79 -1.02
C ASP A 20 -7.90 16.17 -0.99
N GLY A 21 -7.11 16.41 0.04
CA GLY A 21 -6.42 17.67 0.14
C GLY A 21 -6.98 18.57 1.23
N VAL A 22 -6.16 19.53 1.62
CA VAL A 22 -6.43 20.39 2.76
C VAL A 22 -7.71 21.23 2.57
N TYR A 23 -8.13 21.44 1.33
CA TYR A 23 -9.33 22.25 1.04
C TYR A 23 -10.63 21.46 0.96
N ALA A 24 -10.55 20.15 1.10
CA ALA A 24 -11.70 19.30 0.90
C ALA A 24 -12.81 19.53 1.92
N LYS A 25 -14.05 19.50 1.44
CA LYS A 25 -15.21 19.67 2.30
C LYS A 25 -15.29 18.55 3.36
N GLY A 26 -15.00 17.33 2.95
CA GLY A 26 -15.04 16.20 3.87
C GLY A 26 -14.16 16.38 5.10
N LEU A 27 -12.97 16.92 4.91
CA LEU A 27 -12.04 17.18 6.01
C LEU A 27 -12.53 18.32 6.89
N ALA A 28 -13.03 19.37 6.25
CA ALA A 28 -13.53 20.54 6.97
C ALA A 28 -14.68 20.16 7.89
N ILE A 29 -15.61 19.38 7.37
N ILE A 29 -15.61 19.36 7.40
CA ILE A 29 -16.76 18.94 8.14
CA ILE A 29 -16.77 18.98 8.18
C ILE A 29 -16.33 18.06 9.31
C ILE A 29 -16.41 17.99 9.30
N LEU A 30 -15.44 17.12 9.02
CA LEU A 30 -14.96 16.18 10.02
C LEU A 30 -14.27 16.92 11.16
N ALA A 31 -13.41 17.87 10.80
CA ALA A 31 -12.64 18.63 11.78
C ALA A 31 -13.54 19.49 12.65
N LYS A 32 -14.53 20.14 12.04
CA LYS A 32 -15.46 20.97 12.80
C LYS A 32 -16.22 20.12 13.82
N THR A 33 -16.64 18.93 13.39
CA THR A 33 -17.45 18.05 14.22
C THR A 33 -16.67 17.47 15.40
N LEU A 34 -15.46 16.98 15.14
CA LEU A 34 -14.66 16.33 16.18
C LEU A 34 -13.95 17.29 17.13
N ALA A 35 -13.96 18.58 16.81
CA ALA A 35 -13.31 19.58 17.65
C ALA A 35 -14.03 19.68 18.99
N ASP A 36 -15.25 19.17 19.01
CA ASP A 36 -16.08 19.14 20.21
C ASP A 36 -15.65 18.01 21.17
N LEU A 37 -14.96 17.01 20.64
CA LEU A 37 -14.59 15.83 21.44
C LEU A 37 -13.20 15.93 22.03
N GLY A 38 -12.36 16.80 21.48
CA GLY A 38 -11.02 16.95 21.97
C GLY A 38 -10.22 17.92 21.14
N GLU A 39 -8.92 18.02 21.43
CA GLU A 39 -8.01 18.85 20.67
C GLU A 39 -7.76 18.23 19.30
N VAL A 40 -7.98 19.00 18.25
CA VAL A 40 -7.77 18.49 16.89
C VAL A 40 -6.61 19.20 16.20
N ASP A 41 -5.68 18.42 15.68
CA ASP A 41 -4.64 18.93 14.79
C ASP A 41 -4.96 18.39 13.42
N VAL A 42 -4.98 19.24 12.41
CA VAL A 42 -5.17 18.77 11.04
C VAL A 42 -3.86 18.90 10.27
N VAL A 43 -3.38 17.80 9.70
CA VAL A 43 -2.18 17.82 8.87
C VAL A 43 -2.50 17.07 7.59
N ALA A 44 -2.63 17.80 6.49
CA ALA A 44 -3.19 17.24 5.27
C ALA A 44 -2.43 17.70 4.03
N PRO A 45 -2.52 16.93 2.93
CA PRO A 45 -1.81 17.27 1.69
C PRO A 45 -2.34 18.56 1.06
N ASP A 46 -1.46 19.33 0.42
CA ASP A 46 -1.90 20.58 -0.19
C ASP A 46 -2.65 20.35 -1.50
N ARG A 47 -2.65 19.11 -1.97
CA ARG A 47 -3.30 18.76 -3.22
C ARG A 47 -4.09 17.48 -3.10
N ASN A 48 -4.93 17.20 -4.10
CA ASN A 48 -5.62 15.93 -4.12
C ASN A 48 -4.63 14.81 -4.37
N ARG A 49 -4.48 13.90 -3.42
CA ARG A 49 -3.55 12.79 -3.57
C ARG A 49 -4.28 11.46 -3.65
N SER A 50 -5.43 11.45 -4.31
CA SER A 50 -6.15 10.19 -4.50
C SER A 50 -5.22 9.19 -5.21
N GLY A 51 -5.23 7.95 -4.73
CA GLY A 51 -4.34 6.93 -5.25
C GLY A 51 -2.96 6.83 -4.61
N ALA A 52 -2.70 7.67 -3.60
CA ALA A 52 -1.36 7.74 -3.00
C ALA A 52 -0.93 6.47 -2.26
N SER A 53 -1.88 5.62 -1.88
CA SER A 53 -1.57 4.44 -1.07
C SER A 53 -0.72 4.89 0.12
N ASN A 54 0.23 4.08 0.56
CA ASN A 54 1.10 4.56 1.64
C ASN A 54 2.45 5.08 1.17
N SER A 55 2.49 5.63 -0.05
CA SER A 55 3.72 6.20 -0.57
C SER A 55 4.25 7.30 0.37
N LEU A 56 5.56 7.30 0.56
CA LEU A 56 6.26 8.24 1.44
C LEU A 56 7.28 9.00 0.60
N THR A 57 7.45 10.28 0.87
CA THR A 57 8.47 11.04 0.18
C THR A 57 9.81 10.85 0.86
N LEU A 58 10.71 10.13 0.20
CA LEU A 58 12.02 9.81 0.76
C LEU A 58 13.14 10.58 0.08
N ASN A 59 12.91 10.97 -1.17
CA ASN A 59 13.95 11.56 -2.02
C ASN A 59 14.16 13.05 -1.81
N ALA A 60 13.30 13.67 -1.01
CA ALA A 60 13.32 15.12 -0.85
C ALA A 60 12.71 15.51 0.48
N PRO A 61 13.06 16.70 0.98
CA PRO A 61 12.42 17.21 2.18
C PRO A 61 11.09 17.84 1.79
N LEU A 62 10.18 17.96 2.75
N LEU A 62 10.18 17.93 2.75
CA LEU A 62 8.83 18.44 2.48
CA LEU A 62 8.84 18.46 2.48
C LEU A 62 8.58 19.82 3.08
C LEU A 62 8.72 19.88 3.01
N HIS A 63 8.01 20.72 2.28
CA HIS A 63 7.59 22.01 2.79
C HIS A 63 6.24 21.90 3.46
N ILE A 64 6.10 22.55 4.61
CA ILE A 64 4.87 22.52 5.38
C ILE A 64 4.50 23.94 5.76
N LYS A 65 3.20 24.26 5.72
CA LYS A 65 2.75 25.62 6.03
C LYS A 65 1.50 25.61 6.90
N ASN A 66 1.32 26.66 7.70
CA ASN A 66 0.10 26.84 8.48
C ASN A 66 -0.87 27.74 7.74
N LEU A 67 -2.08 27.26 7.49
CA LEU A 67 -3.10 28.06 6.82
C LEU A 67 -3.81 28.93 7.85
N GLU A 68 -4.54 29.94 7.36
CA GLU A 68 -5.26 30.86 8.25
C GLU A 68 -6.23 30.16 9.19
N ASN A 69 -6.86 29.08 8.73
CA ASN A 69 -7.84 28.38 9.56
C ASN A 69 -7.22 27.42 10.58
N GLY A 70 -5.89 27.36 10.64
CA GLY A 70 -5.23 26.52 11.63
C GLY A 70 -4.84 25.14 11.12
N MSE A 71 -5.30 24.79 9.92
N MSE A 71 -5.31 24.78 9.93
CA MSE A 71 -4.90 23.53 9.32
CA MSE A 71 -4.89 23.53 9.31
C MSE A 71 -3.46 23.59 8.82
C MSE A 71 -3.43 23.61 8.88
O MSE A 71 -3.01 24.63 8.33
O MSE A 71 -2.94 24.67 8.48
CB MSE A 71 -5.84 23.14 8.19
CB MSE A 71 -5.76 23.20 8.10
CG MSE A 71 -7.27 22.88 8.64
CG MSE A 71 -7.20 22.88 8.44
SE MSE A 71 -8.35 22.31 7.16
SE MSE A 71 -8.10 22.25 6.84
CE MSE A 71 -7.20 20.90 6.49
CE MSE A 71 -9.91 22.09 7.56
N ILE A 72 -2.74 22.48 8.95
CA ILE A 72 -1.36 22.41 8.48
C ILE A 72 -1.33 21.74 7.12
N SER A 73 -0.74 22.39 6.13
CA SER A 73 -0.77 21.91 4.76
C SER A 73 0.63 21.42 4.36
N VAL A 74 0.71 20.19 3.85
CA VAL A 74 1.99 19.56 3.58
C VAL A 74 2.13 19.29 2.09
N GLU A 75 3.28 19.65 1.52
CA GLU A 75 3.50 19.43 0.09
C GLU A 75 3.98 18.01 -0.14
N GLY A 76 3.13 17.04 0.21
CA GLY A 76 3.50 15.65 0.11
C GLY A 76 2.27 14.76 0.23
N THR A 77 2.48 13.50 0.61
CA THR A 77 1.40 12.52 0.56
C THR A 77 0.64 12.43 1.88
N PRO A 78 -0.50 11.72 1.89
CA PRO A 78 -1.22 11.54 3.15
C PRO A 78 -0.34 10.80 4.15
N THR A 79 0.42 9.82 3.69
CA THR A 79 1.31 9.11 4.61
C THR A 79 2.41 10.02 5.14
N ASP A 80 2.97 10.88 4.29
CA ASP A 80 3.92 11.91 4.75
C ASP A 80 3.31 12.71 5.89
N CYS A 81 2.07 13.15 5.71
CA CYS A 81 1.41 13.99 6.71
C CYS A 81 1.39 13.32 8.08
N VAL A 82 0.89 12.10 8.11
CA VAL A 82 0.72 11.42 9.40
C VAL A 82 2.09 11.05 9.97
N HIS A 83 2.96 10.54 9.11
CA HIS A 83 4.28 10.14 9.55
C HIS A 83 5.05 11.31 10.16
N LEU A 84 5.05 12.46 9.48
CA LEU A 84 5.73 13.65 10.01
C LEU A 84 5.06 14.18 11.27
N ALA A 85 3.72 14.18 11.26
CA ALA A 85 2.94 14.67 12.40
C ALA A 85 3.27 13.92 13.67
N ILE A 86 3.55 12.63 13.55
CA ILE A 86 3.81 11.81 14.74
C ILE A 86 5.30 11.56 15.02
N THR A 87 6.18 12.20 14.26
CA THR A 87 7.61 12.05 14.49
C THR A 87 8.32 13.38 14.69
N GLY A 88 7.59 14.40 15.10
CA GLY A 88 8.24 15.65 15.48
C GLY A 88 7.73 16.94 14.87
N VAL A 89 6.74 16.87 13.97
CA VAL A 89 6.14 18.12 13.49
C VAL A 89 5.25 18.71 14.58
N LEU A 90 4.53 17.84 15.26
CA LEU A 90 3.63 18.28 16.33
C LEU A 90 4.31 18.19 17.68
N PRO A 91 3.89 19.04 18.62
CA PRO A 91 4.47 19.09 19.96
C PRO A 91 4.06 17.89 20.80
N GLU A 92 2.91 17.31 20.49
CA GLU A 92 2.42 16.17 21.26
C GLU A 92 1.93 15.03 20.40
N MSE A 93 2.15 13.81 20.87
CA MSE A 93 1.65 12.62 20.22
C MSE A 93 0.13 12.60 20.28
O MSE A 93 -0.46 12.81 21.33
CB MSE A 93 2.23 11.40 20.95
CG MSE A 93 2.02 10.07 20.27
SE MSE A 93 3.04 9.85 18.60
CE MSE A 93 4.39 11.18 18.76
N PRO A 94 -0.53 12.37 19.12
CA PRO A 94 -1.98 12.22 19.14
C PRO A 94 -2.40 10.91 19.80
N ASP A 95 -3.63 10.83 20.30
CA ASP A 95 -4.11 9.58 20.90
C ASP A 95 -4.70 8.66 19.83
N MSE A 96 -5.12 9.26 18.73
N MSE A 96 -5.16 9.26 18.74
CA MSE A 96 -5.75 8.53 17.63
CA MSE A 96 -5.58 8.48 17.59
C MSE A 96 -5.72 9.33 16.33
C MSE A 96 -5.55 9.33 16.34
O MSE A 96 -5.84 10.56 16.36
O MSE A 96 -5.51 10.56 16.39
CB MSE A 96 -7.19 8.13 18.02
CB MSE A 96 -6.97 7.87 17.79
CG MSE A 96 -8.19 8.13 16.88
CG MSE A 96 -8.02 8.84 18.26
SE MSE A 96 -9.95 7.42 17.42
SE MSE A 96 -9.73 7.94 18.57
CE MSE A 96 -9.90 7.88 19.31
CE MSE A 96 -10.25 7.67 16.72
N VAL A 97 -5.56 8.63 15.21
CA VAL A 97 -5.52 9.26 13.90
C VAL A 97 -6.86 9.00 13.23
N VAL A 98 -7.45 10.04 12.65
CA VAL A 98 -8.70 9.91 11.93
C VAL A 98 -8.50 10.49 10.53
N ALA A 99 -8.69 9.67 9.50
CA ALA A 99 -8.46 10.13 8.12
C ALA A 99 -9.76 10.15 7.33
N GLY A 100 -10.02 11.27 6.65
CA GLY A 100 -11.26 11.46 5.91
C GLY A 100 -11.82 12.85 6.14
N ILE A 101 -13.12 13.06 5.87
CA ILE A 101 -14.00 12.05 5.28
C ILE A 101 -13.74 12.01 3.79
N ASN A 102 -13.44 10.83 3.26
CA ASN A 102 -13.11 10.71 1.84
C ASN A 102 -14.30 10.93 0.92
N ALA A 103 -14.06 11.60 -0.20
CA ALA A 103 -15.05 11.78 -1.23
C ALA A 103 -15.08 10.53 -2.10
N GLY A 104 -15.85 9.53 -1.67
CA GLY A 104 -15.94 8.26 -2.37
C GLY A 104 -15.62 7.08 -1.48
N PRO A 105 -16.17 5.91 -1.81
CA PRO A 105 -15.99 4.72 -0.98
C PRO A 105 -14.58 4.17 -1.07
N ASN A 106 -14.19 3.44 -0.03
CA ASN A 106 -12.97 2.64 -0.06
C ASN A 106 -13.30 1.24 0.41
N LEU A 107 -13.62 0.37 -0.56
CA LEU A 107 -14.16 -0.95 -0.30
C LEU A 107 -13.34 -2.03 -0.98
N GLY A 108 -13.28 -3.22 -0.38
CA GLY A 108 -12.52 -4.31 -0.94
C GLY A 108 -11.11 -3.94 -1.34
N ASP A 109 -10.80 -4.15 -2.62
CA ASP A 109 -9.49 -3.88 -3.21
C ASP A 109 -9.01 -2.47 -3.06
N ASP A 110 -9.96 -1.54 -2.95
CA ASP A 110 -9.64 -0.12 -2.91
C ASP A 110 -8.59 0.18 -1.86
N VAL A 111 -8.61 -0.57 -0.77
CA VAL A 111 -7.77 -0.21 0.37
C VAL A 111 -6.28 -0.29 0.04
N TRP A 112 -5.93 -1.06 -0.99
CA TRP A 112 -4.53 -1.16 -1.37
C TRP A 112 -3.98 0.17 -1.88
N TYR A 113 -4.85 0.96 -2.52
CA TYR A 113 -4.40 2.18 -3.21
C TYR A 113 -4.81 3.45 -2.47
N SER A 114 -5.64 3.31 -1.45
CA SER A 114 -6.26 4.46 -0.81
C SER A 114 -5.30 5.26 0.07
N GLY A 115 -5.15 6.54 -0.22
CA GLY A 115 -4.35 7.44 0.60
C GLY A 115 -4.99 7.61 1.97
N THR A 116 -6.32 7.63 2.00
CA THR A 116 -7.08 7.77 3.24
C THR A 116 -6.82 6.62 4.18
N VAL A 117 -6.92 5.41 3.66
CA VAL A 117 -6.64 4.22 4.46
C VAL A 117 -5.20 4.22 4.93
N ALA A 118 -4.28 4.53 4.03
CA ALA A 118 -2.86 4.54 4.38
C ALA A 118 -2.55 5.52 5.52
N ALA A 119 -3.18 6.70 5.50
CA ALA A 119 -2.98 7.68 6.57
C ALA A 119 -3.34 7.06 7.92
N ALA A 120 -4.47 6.37 7.98
CA ALA A 120 -4.90 5.75 9.22
C ALA A 120 -3.94 4.63 9.62
N MSE A 121 -3.48 3.87 8.63
N MSE A 121 -3.48 3.87 8.63
CA MSE A 121 -2.59 2.74 8.89
CA MSE A 121 -2.59 2.75 8.85
C MSE A 121 -1.24 3.20 9.42
C MSE A 121 -1.24 3.19 9.40
O MSE A 121 -0.59 2.49 10.19
O MSE A 121 -0.62 2.48 10.19
CB MSE A 121 -2.40 1.89 7.64
CB MSE A 121 -2.40 1.98 7.55
CG MSE A 121 -1.97 0.47 7.94
CG MSE A 121 -3.69 1.42 6.99
SE MSE A 121 -3.53 -0.68 8.18
SE MSE A 121 -3.44 -0.46 6.64
CE MSE A 121 -3.98 -0.93 6.31
CE MSE A 121 -2.56 -0.90 8.33
N GLU A 122 -0.79 4.37 8.97
CA GLU A 122 0.46 4.93 9.46
C GLU A 122 0.22 5.28 10.93
N GLY A 123 -1.03 5.61 11.24
CA GLY A 123 -1.42 5.91 12.61
C GLY A 123 -1.54 4.66 13.47
N ARG A 124 -1.29 3.50 12.88
CA ARG A 124 -1.31 2.25 13.65
C ARG A 124 0.05 1.67 13.98
N PHE A 125 0.85 1.34 12.97
CA PHE A 125 2.13 0.67 13.24
C PHE A 125 3.22 1.60 13.78
N LEU A 126 2.79 2.68 14.42
CA LEU A 126 3.66 3.46 15.30
C LEU A 126 2.98 3.47 16.67
N GLY A 127 1.99 2.59 16.83
CA GLY A 127 1.33 2.38 18.11
C GLY A 127 -0.11 2.83 18.22
N LEU A 128 -0.49 3.84 17.45
CA LEU A 128 -1.75 4.53 17.72
C LEU A 128 -2.98 3.86 17.10
N PRO A 129 -4.13 3.96 17.80
CA PRO A 129 -5.38 3.53 17.16
C PRO A 129 -5.76 4.49 16.03
N ALA A 130 -6.67 4.06 15.14
CA ALA A 130 -6.93 4.84 13.93
C ALA A 130 -8.21 4.45 13.18
N LEU A 131 -8.82 5.44 12.54
CA LEU A 131 -10.03 5.25 11.76
C LEU A 131 -9.82 5.88 10.39
N ALA A 132 -10.17 5.16 9.34
CA ALA A 132 -10.31 5.78 8.02
C ALA A 132 -11.80 5.90 7.75
N VAL A 133 -12.24 7.05 7.23
CA VAL A 133 -13.67 7.26 7.01
C VAL A 133 -13.96 7.76 5.61
N SER A 134 -14.86 7.06 4.93
CA SER A 134 -15.19 7.37 3.54
C SER A 134 -16.69 7.46 3.35
N LEU A 135 -17.12 8.44 2.57
CA LEU A 135 -18.51 8.61 2.21
C LEU A 135 -18.80 7.97 0.85
N GLY A 136 -19.86 7.19 0.75
CA GLY A 136 -20.15 6.44 -0.46
C GLY A 136 -20.70 7.27 -1.61
N GLY A 137 -20.86 6.65 -2.76
CA GLY A 137 -21.46 7.30 -3.91
C GLY A 137 -20.55 8.25 -4.65
N GLU A 138 -21.15 9.17 -5.42
CA GLU A 138 -20.41 10.11 -6.24
C GLU A 138 -20.91 11.54 -6.08
N LEU A 139 -21.90 11.74 -5.21
CA LEU A 139 -22.50 13.07 -5.07
C LEU A 139 -22.10 13.76 -3.77
N PHE A 140 -21.94 12.97 -2.71
CA PHE A 140 -21.43 13.45 -1.43
C PHE A 140 -22.32 14.53 -0.81
N ARG A 141 -23.59 14.18 -0.64
CA ARG A 141 -24.58 15.13 -0.14
C ARG A 141 -24.58 15.19 1.39
N TYR A 142 -24.19 14.10 2.05
CA TYR A 142 -24.27 14.04 3.51
C TYR A 142 -22.94 13.75 4.22
N TYR A 143 -21.96 14.63 4.05
CA TYR A 143 -20.73 14.55 4.84
C TYR A 143 -21.07 14.58 6.32
N GLU A 144 -22.09 15.36 6.67
CA GLU A 144 -22.52 15.52 8.06
C GLU A 144 -22.86 14.18 8.71
N THR A 145 -23.42 13.27 7.91
CA THR A 145 -23.78 11.94 8.39
C THR A 145 -22.53 11.14 8.77
N ALA A 146 -21.54 11.11 7.88
CA ALA A 146 -20.29 10.42 8.21
C ALA A 146 -19.62 11.09 9.42
N ALA A 147 -19.68 12.42 9.48
CA ALA A 147 -19.11 13.12 10.64
C ALA A 147 -19.81 12.70 11.94
N LYS A 148 -21.13 12.58 11.90
CA LYS A 148 -21.89 12.20 13.09
C LYS A 148 -21.58 10.76 13.50
N VAL A 149 -21.49 9.87 12.52
CA VAL A 149 -21.09 8.49 12.77
C VAL A 149 -19.74 8.43 13.47
N VAL A 150 -18.75 9.17 12.96
CA VAL A 150 -17.41 9.13 13.55
C VAL A 150 -17.42 9.70 14.97
N TYR A 151 -18.15 10.80 15.16
CA TYR A 151 -18.33 11.38 16.48
C TYR A 151 -18.79 10.31 17.48
N GLN A 152 -19.85 9.59 17.13
CA GLN A 152 -20.40 8.54 18.00
C GLN A 152 -19.43 7.40 18.29
N LEU A 153 -18.68 6.97 17.28
CA LEU A 153 -17.73 5.88 17.46
C LEU A 153 -16.61 6.30 18.41
N ILE A 154 -16.11 7.52 18.23
CA ILE A 154 -15.02 8.00 19.08
C ILE A 154 -15.52 8.19 20.52
N GLN A 155 -16.71 8.79 20.65
CA GLN A 155 -17.31 8.93 21.97
C GLN A 155 -17.36 7.58 22.69
N ARG A 156 -17.80 6.56 21.97
CA ARG A 156 -17.94 5.23 22.56
C ARG A 156 -16.56 4.62 22.87
N ILE A 157 -15.63 4.76 21.93
CA ILE A 157 -14.29 4.23 22.10
C ILE A 157 -13.67 4.69 23.42
N GLU A 158 -13.95 5.94 23.80
CA GLU A 158 -13.42 6.50 25.04
C GLU A 158 -13.90 5.79 26.31
N LYS A 159 -15.10 5.21 26.24
CA LYS A 159 -15.73 4.58 27.41
C LYS A 159 -15.63 3.05 27.34
N ASP A 160 -15.72 2.53 26.12
CA ASP A 160 -15.80 1.09 25.85
C ASP A 160 -14.68 0.81 24.85
N PRO A 161 -13.47 0.58 25.36
CA PRO A 161 -12.27 0.57 24.52
C PRO A 161 -12.17 -0.64 23.61
N LEU A 162 -11.68 -0.42 22.40
CA LEU A 162 -11.31 -1.52 21.52
C LEU A 162 -9.87 -1.91 21.85
N PRO A 163 -9.39 -3.03 21.30
CA PRO A 163 -7.98 -3.34 21.49
C PRO A 163 -7.12 -2.17 21.02
N PRO A 164 -6.02 -1.88 21.74
CA PRO A 164 -5.18 -0.71 21.48
C PRO A 164 -4.59 -0.66 20.07
N SER A 165 -4.55 -1.80 19.39
CA SER A 165 -3.90 -1.91 18.09
C SER A 165 -4.85 -1.73 16.92
N THR A 166 -6.06 -1.29 17.19
CA THR A 166 -7.12 -1.37 16.20
C THR A 166 -7.06 -0.28 15.12
N ILE A 167 -7.20 -0.71 13.86
CA ILE A 167 -7.40 0.21 12.73
C ILE A 167 -8.69 -0.17 12.04
N LEU A 168 -9.60 0.80 11.93
CA LEU A 168 -10.89 0.53 11.31
C LEU A 168 -11.04 1.24 9.98
N ASN A 169 -11.51 0.51 8.98
CA ASN A 169 -11.90 1.10 7.72
C ASN A 169 -13.41 1.26 7.69
N ILE A 170 -13.87 2.50 7.70
CA ILE A 170 -15.28 2.79 7.85
C ILE A 170 -15.81 3.41 6.58
N ASN A 171 -16.89 2.85 6.06
CA ASN A 171 -17.61 3.44 4.95
C ASN A 171 -19.04 3.78 5.37
N VAL A 172 -19.48 4.96 4.97
CA VAL A 172 -20.78 5.49 5.36
C VAL A 172 -21.65 5.72 4.12
N PRO A 173 -22.86 5.13 4.11
CA PRO A 173 -23.78 5.41 2.99
C PRO A 173 -24.07 6.90 2.90
N ASP A 174 -24.22 7.44 1.69
CA ASP A 174 -24.51 8.86 1.51
C ASP A 174 -26.01 9.13 1.71
N LEU A 175 -26.44 9.16 2.96
CA LEU A 175 -27.86 9.28 3.31
C LEU A 175 -28.00 10.13 4.55
N PRO A 176 -29.18 10.73 4.74
CA PRO A 176 -29.47 11.37 6.02
C PRO A 176 -29.19 10.39 7.14
N TYR A 177 -28.75 10.87 8.30
CA TYR A 177 -28.42 9.98 9.41
C TYR A 177 -29.59 9.06 9.79
N GLU A 178 -30.80 9.60 9.72
CA GLU A 178 -31.98 8.85 10.12
C GLU A 178 -32.30 7.67 9.19
N GLU A 179 -31.61 7.60 8.04
CA GLU A 179 -31.87 6.53 7.09
C GLU A 179 -30.82 5.42 7.09
N LEU A 180 -29.80 5.57 7.94
CA LEU A 180 -28.87 4.47 8.17
C LEU A 180 -29.61 3.29 8.80
N LYS A 181 -29.28 2.08 8.37
CA LYS A 181 -29.95 0.89 8.87
C LYS A 181 -29.16 0.21 9.99
N GLY A 182 -27.97 0.73 10.27
CA GLY A 182 -27.18 0.18 11.36
C GLY A 182 -25.69 0.17 11.10
N PHE A 183 -24.95 -0.45 12.02
CA PHE A 183 -23.51 -0.62 11.91
C PHE A 183 -23.24 -2.10 11.75
N GLU A 184 -22.27 -2.44 10.91
CA GLU A 184 -21.98 -3.86 10.66
C GLU A 184 -20.48 -4.09 10.60
N VAL A 185 -19.99 -5.12 11.29
CA VAL A 185 -18.60 -5.53 11.14
C VAL A 185 -18.52 -6.32 9.83
N THR A 186 -17.50 -6.04 9.03
CA THR A 186 -17.42 -6.65 7.71
C THR A 186 -15.98 -7.07 7.35
N ARG A 187 -15.87 -7.97 6.39
CA ARG A 187 -14.58 -8.28 5.79
C ARG A 187 -14.50 -7.55 4.46
N LEU A 188 -13.28 -7.41 3.94
CA LEU A 188 -13.06 -6.81 2.63
C LEU A 188 -13.61 -7.69 1.50
N GLY A 189 -14.48 -7.11 0.69
CA GLY A 189 -14.95 -7.80 -0.50
C GLY A 189 -13.87 -7.75 -1.56
N THR A 190 -14.22 -8.14 -2.77
CA THR A 190 -13.27 -8.05 -3.88
C THR A 190 -13.97 -7.46 -5.09
N ARG A 191 -13.16 -6.90 -5.99
CA ARG A 191 -13.68 -6.36 -7.24
C ARG A 191 -13.28 -7.25 -8.40
N HIS A 192 -14.10 -7.24 -9.44
CA HIS A 192 -13.72 -7.85 -10.70
C HIS A 192 -12.50 -7.12 -11.25
N ARG A 193 -12.09 -7.47 -12.46
CA ARG A 193 -10.94 -6.82 -13.08
C ARG A 193 -11.21 -5.35 -13.32
N ALA A 194 -10.18 -4.53 -13.15
CA ALA A 194 -10.32 -3.08 -13.33
C ALA A 194 -10.64 -2.72 -14.78
N GLU A 195 -11.26 -1.58 -14.99
CA GLU A 195 -11.65 -1.15 -16.33
C GLU A 195 -10.42 -0.91 -17.21
N PRO A 196 -10.57 -1.06 -18.53
CA PRO A 196 -9.45 -0.89 -19.46
C PRO A 196 -8.82 0.49 -19.35
N THR A 197 -7.52 0.57 -19.59
CA THR A 197 -6.84 1.86 -19.64
C THR A 197 -7.46 2.68 -20.77
N ILE A 198 -7.56 3.99 -20.56
CA ILE A 198 -8.13 4.87 -21.58
C ILE A 198 -7.02 5.64 -22.29
N ARG A 199 -6.82 5.34 -23.57
CA ARG A 199 -5.75 5.95 -24.35
C ARG A 199 -6.22 7.19 -25.10
N GLN A 200 -5.49 8.27 -24.92
CA GLN A 200 -5.74 9.52 -25.63
C GLN A 200 -4.45 10.05 -26.24
N ILE A 201 -4.53 11.20 -26.90
CA ILE A 201 -3.35 11.84 -27.47
C ILE A 201 -3.24 13.26 -26.89
N ASP A 202 -2.07 13.63 -26.39
CA ASP A 202 -1.90 14.95 -25.76
C ASP A 202 -1.83 16.06 -26.80
N PRO A 203 -1.79 17.34 -26.37
CA PRO A 203 -1.90 18.43 -27.36
C PRO A 203 -0.76 18.47 -28.34
N ARG A 204 0.31 17.75 -28.01
CA ARG A 204 1.53 17.77 -28.80
C ARG A 204 1.72 16.48 -29.59
N GLY A 205 0.69 15.65 -29.62
CA GLY A 205 0.66 14.47 -30.47
C GLY A 205 1.17 13.18 -29.87
N HIS A 206 1.42 13.18 -28.57
CA HIS A 206 1.98 12.00 -27.88
C HIS A 206 0.89 11.21 -27.17
N PRO A 207 0.90 9.87 -27.31
CA PRO A 207 -0.08 9.02 -26.64
C PRO A 207 -0.03 9.16 -25.13
N ILE A 208 -1.19 9.22 -24.48
CA ILE A 208 -1.25 9.26 -23.03
C ILE A 208 -2.31 8.28 -22.53
N TYR A 209 -2.09 7.73 -21.35
CA TYR A 209 -2.94 6.66 -20.85
C TYR A 209 -3.46 6.95 -19.45
N TRP A 210 -4.78 6.90 -19.30
CA TRP A 210 -5.42 7.08 -18.01
C TRP A 210 -5.64 5.73 -17.36
N VAL A 211 -5.37 5.63 -16.07
CA VAL A 211 -5.76 4.46 -15.31
C VAL A 211 -7.29 4.40 -15.34
N GLY A 212 -7.85 3.23 -15.61
CA GLY A 212 -9.28 3.07 -15.71
C GLY A 212 -9.93 3.00 -14.34
N ALA A 213 -11.24 3.19 -14.30
CA ALA A 213 -11.99 3.11 -13.04
C ALA A 213 -11.92 1.71 -12.46
N ALA A 214 -12.09 1.60 -11.14
CA ALA A 214 -12.16 0.32 -10.47
C ALA A 214 -13.24 -0.55 -11.11
N GLY A 215 -13.02 -1.86 -11.09
CA GLY A 215 -13.96 -2.79 -11.69
C GLY A 215 -15.16 -3.02 -10.79
N PRO A 216 -16.19 -3.71 -11.33
CA PRO A 216 -17.42 -4.01 -10.59
C PRO A 216 -17.18 -4.99 -9.45
N GLU A 217 -18.05 -4.94 -8.44
CA GLU A 217 -17.96 -5.82 -7.29
C GLU A 217 -18.01 -7.29 -7.67
N GLN A 218 -17.03 -8.06 -7.20
CA GLN A 218 -17.04 -9.50 -7.38
C GLN A 218 -17.60 -10.16 -6.12
N ASP A 219 -16.72 -10.44 -5.16
CA ASP A 219 -17.15 -10.99 -3.87
C ASP A 219 -17.91 -9.91 -3.11
N SER A 220 -19.24 -9.98 -3.15
CA SER A 220 -20.09 -8.88 -2.71
C SER A 220 -21.28 -9.34 -1.86
N GLY A 221 -21.20 -10.56 -1.33
CA GLY A 221 -22.31 -11.15 -0.59
C GLY A 221 -22.29 -10.82 0.90
N PRO A 222 -23.20 -11.44 1.67
CA PRO A 222 -23.33 -11.20 3.11
C PRO A 222 -22.00 -11.31 3.85
N GLY A 223 -21.70 -10.34 4.71
CA GLY A 223 -20.45 -10.33 5.43
C GLY A 223 -19.41 -9.36 4.88
N THR A 224 -19.53 -8.98 3.61
CA THR A 224 -18.56 -8.08 3.00
C THR A 224 -18.92 -6.60 3.18
N ASP A 225 -17.92 -5.73 3.03
CA ASP A 225 -18.17 -4.29 3.11
C ASP A 225 -19.15 -3.83 2.02
N PHE A 226 -19.03 -4.37 0.82
CA PHE A 226 -19.96 -4.03 -0.26
C PHE A 226 -21.40 -4.31 0.14
N PHE A 227 -21.62 -5.49 0.68
CA PHE A 227 -22.96 -5.94 1.05
C PHE A 227 -23.56 -4.99 2.09
N ALA A 228 -22.78 -4.61 3.08
CA ALA A 228 -23.29 -3.71 4.12
C ALA A 228 -23.66 -2.36 3.52
N MSE A 229 -22.77 -1.81 2.70
CA MSE A 229 -23.02 -0.53 2.04
C MSE A 229 -24.24 -0.59 1.13
O MSE A 229 -25.07 0.33 1.14
CB MSE A 229 -21.78 -0.11 1.23
CG MSE A 229 -20.67 0.45 2.10
SE MSE A 229 -21.20 2.16 2.85
CE MSE A 229 -20.75 3.25 1.28
N ASN A 230 -24.36 -1.66 0.36
CA ASN A 230 -25.52 -1.82 -0.51
C ASN A 230 -26.84 -1.88 0.26
N HIS A 231 -26.77 -2.25 1.55
CA HIS A 231 -27.98 -2.36 2.36
C HIS A 231 -28.08 -1.22 3.38
N HIS A 232 -27.38 -0.12 3.09
CA HIS A 232 -27.48 1.12 3.85
C HIS A 232 -26.98 1.01 5.28
N CYS A 233 -26.06 0.09 5.55
CA CYS A 233 -25.41 0.02 6.84
C CYS A 233 -24.03 0.67 6.75
N VAL A 234 -23.61 1.31 7.82
CA VAL A 234 -22.22 1.71 7.98
C VAL A 234 -21.39 0.43 8.04
N SER A 235 -20.33 0.37 7.25
CA SER A 235 -19.47 -0.80 7.21
C SER A 235 -18.21 -0.54 8.00
N ILE A 236 -17.84 -1.47 8.88
CA ILE A 236 -16.65 -1.36 9.73
C ILE A 236 -15.76 -2.59 9.58
N THR A 237 -14.61 -2.42 8.92
CA THR A 237 -13.66 -3.51 8.72
C THR A 237 -12.38 -3.25 9.47
N PRO A 238 -11.98 -4.15 10.37
CA PRO A 238 -10.69 -4.00 11.04
C PRO A 238 -9.60 -4.48 10.09
N LEU A 239 -8.51 -3.72 9.99
CA LEU A 239 -7.43 -4.07 9.08
C LEU A 239 -6.20 -4.55 9.85
N ARG A 240 -5.45 -5.48 9.27
CA ARG A 240 -4.32 -6.05 10.01
C ARG A 240 -3.01 -5.38 9.64
N VAL A 241 -2.03 -5.54 10.53
CA VAL A 241 -0.73 -4.91 10.39
C VAL A 241 0.32 -5.94 10.00
N ASP A 242 -0.01 -7.22 10.14
N ASP A 242 -0.01 -7.22 10.14
CA ASP A 242 0.93 -8.26 9.77
CA ASP A 242 0.90 -8.31 9.79
C ASP A 242 0.63 -8.82 8.38
C ASP A 242 0.64 -8.85 8.38
N LEU A 243 1.50 -8.49 7.44
CA LEU A 243 1.33 -8.86 6.04
C LEU A 243 1.78 -10.29 5.75
N THR A 244 2.42 -10.91 6.73
CA THR A 244 2.88 -12.28 6.54
C THR A 244 1.69 -13.22 6.46
N HIS A 245 1.63 -14.03 5.41
CA HIS A 245 0.54 -14.99 5.27
C HIS A 245 0.89 -16.31 5.96
N TYR A 246 0.77 -16.31 7.28
CA TYR A 246 1.14 -17.49 8.08
C TYR A 246 0.47 -18.77 7.64
N GLU A 247 -0.82 -18.68 7.33
CA GLU A 247 -1.59 -19.85 6.93
C GLU A 247 -0.98 -20.59 5.73
N ALA A 248 -0.19 -19.88 4.93
CA ALA A 248 0.42 -20.47 3.73
C ALA A 248 1.81 -21.07 3.99
N PHE A 249 2.32 -20.89 5.21
CA PHE A 249 3.70 -21.28 5.52
C PHE A 249 4.02 -22.75 5.29
N ASP A 250 3.30 -23.61 6.00
CA ASP A 250 3.57 -25.04 5.95
C ASP A 250 3.61 -25.53 4.52
N GLN A 251 2.60 -25.16 3.73
CA GLN A 251 2.54 -25.58 2.34
C GLN A 251 3.71 -25.03 1.53
N LEU A 252 4.03 -23.76 1.76
CA LEU A 252 5.14 -23.15 1.06
C LEU A 252 6.49 -23.77 1.44
N ALA A 253 6.67 -24.01 2.74
CA ALA A 253 7.90 -24.63 3.23
C ALA A 253 8.13 -25.99 2.58
N SER A 254 7.04 -26.76 2.44
CA SER A 254 7.11 -28.07 1.82
C SER A 254 7.49 -27.95 0.34
N TRP A 255 6.94 -26.93 -0.31
CA TRP A 255 7.17 -26.71 -1.73
C TRP A 255 8.61 -26.26 -1.98
N VAL A 256 9.16 -25.48 -1.06
CA VAL A 256 10.53 -25.01 -1.20
C VAL A 256 11.50 -26.19 -1.05
N LYS A 257 11.12 -27.20 -0.27
CA LYS A 257 11.96 -28.38 -0.12
C LYS A 257 12.01 -29.17 -1.41
N ARG A 258 10.86 -29.29 -2.07
CA ARG A 258 10.78 -29.98 -3.35
C ARG A 258 11.54 -29.21 -4.43
N LEU A 259 11.58 -27.89 -4.29
CA LEU A 259 12.40 -27.05 -5.14
C LEU A 259 13.85 -27.48 -5.01
N GLU A 260 14.29 -27.71 -3.77
CA GLU A 260 15.68 -28.01 -3.47
C GLU A 260 16.06 -29.45 -3.83
N MSE A 261 15.08 -30.25 -4.23
CA MSE A 261 15.34 -31.65 -4.56
C MSE A 261 16.24 -31.78 -5.80
O MSE A 261 16.58 -30.79 -6.44
OXT MSE A 261 16.65 -32.87 -6.17
CB MSE A 261 14.03 -32.42 -4.77
CG MSE A 261 13.16 -32.50 -3.52
SE MSE A 261 11.62 -33.67 -3.70
CE MSE A 261 12.55 -35.32 -4.13
N LYS B 11 3.20 -21.40 -23.53
CA LYS B 11 3.79 -20.09 -23.75
C LYS B 11 4.60 -19.59 -22.56
N LEU B 12 3.91 -19.38 -21.44
CA LEU B 12 4.45 -18.62 -20.32
C LEU B 12 4.90 -17.24 -20.77
N ARG B 13 4.08 -16.23 -20.46
CA ARG B 13 4.43 -14.85 -20.71
C ARG B 13 4.72 -14.19 -19.38
N LEU B 14 5.92 -13.64 -19.22
CA LEU B 14 6.31 -12.98 -17.98
C LEU B 14 6.27 -11.47 -18.11
N LEU B 15 5.56 -10.80 -17.21
CA LEU B 15 5.62 -9.34 -17.13
C LEU B 15 6.63 -8.94 -16.07
N LEU B 16 7.67 -8.21 -16.47
CA LEU B 16 8.67 -7.72 -15.52
C LEU B 16 8.53 -6.23 -15.29
N SER B 17 8.69 -5.81 -14.04
CA SER B 17 8.72 -4.39 -13.71
C SER B 17 9.72 -4.20 -12.57
N ASN B 18 9.91 -2.97 -12.13
CA ASN B 18 10.73 -2.69 -10.96
C ASN B 18 10.39 -1.30 -10.42
N ASP B 19 11.18 -0.79 -9.48
CA ASP B 19 10.95 0.58 -9.05
C ASP B 19 12.22 1.44 -9.11
N ASP B 20 13.31 0.83 -9.55
CA ASP B 20 14.58 1.54 -9.73
C ASP B 20 14.63 2.28 -11.06
N GLY B 21 13.70 1.96 -11.96
CA GLY B 21 13.69 2.59 -13.27
C GLY B 21 14.01 1.62 -14.38
N VAL B 22 13.52 1.92 -15.59
CA VAL B 22 13.60 1.00 -16.72
C VAL B 22 15.04 0.70 -17.13
N TYR B 23 15.96 1.61 -16.84
CA TYR B 23 17.35 1.42 -17.24
C TYR B 23 18.21 0.74 -16.18
N ALA B 24 17.61 0.34 -15.06
CA ALA B 24 18.38 -0.23 -13.95
C ALA B 24 19.03 -1.57 -14.30
N LYS B 25 20.22 -1.80 -13.74
CA LYS B 25 20.96 -3.04 -13.98
C LYS B 25 20.20 -4.25 -13.48
N GLY B 26 19.61 -4.15 -12.30
CA GLY B 26 18.88 -5.27 -11.72
C GLY B 26 17.83 -5.82 -12.67
N LEU B 27 17.14 -4.91 -13.36
CA LEU B 27 16.05 -5.28 -14.25
C LEU B 27 16.56 -5.90 -15.55
N ALA B 28 17.63 -5.35 -16.10
CA ALA B 28 18.17 -5.85 -17.37
C ALA B 28 18.69 -7.28 -17.23
N ILE B 29 19.36 -7.56 -16.12
CA ILE B 29 19.90 -8.89 -15.87
C ILE B 29 18.78 -9.91 -15.69
N LEU B 30 17.74 -9.51 -14.95
CA LEU B 30 16.59 -10.39 -14.73
C LEU B 30 15.89 -10.73 -16.04
N ALA B 31 15.67 -9.71 -16.88
CA ALA B 31 15.00 -9.90 -18.16
C ALA B 31 15.81 -10.78 -19.09
N LYS B 32 17.12 -10.56 -19.14
CA LYS B 32 17.98 -11.39 -19.99
C LYS B 32 17.91 -12.86 -19.56
N THR B 33 17.99 -13.09 -18.26
CA THR B 33 17.99 -14.44 -17.71
C THR B 33 16.65 -15.16 -17.88
N LEU B 34 15.55 -14.43 -17.70
CA LEU B 34 14.23 -15.05 -17.80
C LEU B 34 13.79 -15.23 -19.25
N ALA B 35 14.50 -14.58 -20.17
CA ALA B 35 14.16 -14.66 -21.58
C ALA B 35 14.21 -16.10 -22.09
N ASP B 36 14.96 -16.95 -21.38
CA ASP B 36 15.09 -18.35 -21.75
C ASP B 36 13.89 -19.19 -21.33
N LEU B 37 13.08 -18.66 -20.41
CA LEU B 37 11.95 -19.41 -19.86
C LEU B 37 10.64 -19.17 -20.60
N GLY B 38 10.52 -18.01 -21.23
CA GLY B 38 9.29 -17.68 -21.92
C GLY B 38 9.34 -16.31 -22.56
N GLU B 39 8.16 -15.80 -22.90
CA GLU B 39 8.06 -14.48 -23.50
C GLU B 39 8.11 -13.43 -22.40
N VAL B 40 9.06 -12.52 -22.51
CA VAL B 40 9.26 -11.49 -21.49
C VAL B 40 8.82 -10.12 -22.01
N ASP B 41 7.89 -9.49 -21.28
CA ASP B 41 7.55 -8.10 -21.54
C ASP B 41 8.02 -7.31 -20.35
N VAL B 42 8.66 -6.17 -20.58
CA VAL B 42 9.08 -5.30 -19.49
C VAL B 42 8.33 -3.99 -19.58
N VAL B 43 7.64 -3.64 -18.50
CA VAL B 43 6.95 -2.35 -18.42
C VAL B 43 7.37 -1.73 -17.09
N ALA B 44 8.22 -0.69 -17.15
CA ALA B 44 8.90 -0.17 -15.96
C ALA B 44 8.90 1.35 -15.89
N PRO B 45 9.04 1.92 -14.68
CA PRO B 45 9.05 3.38 -14.53
C PRO B 45 10.23 3.99 -15.25
N ASP B 46 10.07 5.22 -15.75
CA ASP B 46 11.14 5.89 -16.49
C ASP B 46 12.27 6.36 -15.57
N ARG B 47 12.03 6.35 -14.26
N ARG B 47 12.03 6.38 -14.27
CA ARG B 47 13.03 6.75 -13.31
CA ARG B 47 13.07 6.72 -13.31
C ARG B 47 12.80 6.14 -11.92
C ARG B 47 12.84 6.09 -11.94
N ASN B 48 13.70 6.44 -11.00
CA ASN B 48 13.62 5.90 -9.65
C ASN B 48 12.35 6.30 -8.91
N ARG B 49 11.61 5.30 -8.45
CA ARG B 49 10.34 5.51 -7.77
C ARG B 49 10.31 4.90 -6.37
N SER B 50 11.42 4.96 -5.66
CA SER B 50 11.48 4.39 -4.33
C SER B 50 10.48 5.03 -3.36
N GLY B 51 9.86 4.19 -2.53
CA GLY B 51 8.85 4.66 -1.62
C GLY B 51 7.48 4.80 -2.24
N ALA B 52 7.33 4.40 -3.51
CA ALA B 52 6.05 4.58 -4.21
C ALA B 52 4.94 3.68 -3.64
N SER B 53 5.32 2.60 -2.97
CA SER B 53 4.35 1.66 -2.43
C SER B 53 3.39 1.26 -3.55
N ASN B 54 2.12 1.08 -3.22
CA ASN B 54 1.12 0.70 -4.23
C ASN B 54 0.45 1.92 -4.85
N SER B 55 1.12 3.06 -4.84
CA SER B 55 0.51 4.28 -5.39
C SER B 55 0.15 4.14 -6.86
N LEU B 56 -1.00 4.69 -7.22
CA LEU B 56 -1.45 4.77 -8.61
C LEU B 56 -1.59 6.23 -8.98
N THR B 57 -1.29 6.55 -10.22
CA THR B 57 -1.45 7.92 -10.72
C THR B 57 -2.88 8.04 -11.25
N LEU B 58 -3.72 8.81 -10.55
CA LEU B 58 -5.14 8.85 -10.90
C LEU B 58 -5.62 10.20 -11.43
N ASN B 59 -4.89 11.27 -11.11
N ASN B 59 -4.89 11.27 -11.11
CA ASN B 59 -5.31 12.62 -11.52
CA ASN B 59 -5.31 12.60 -11.51
C ASN B 59 -4.47 13.19 -12.67
C ASN B 59 -4.82 12.99 -12.90
N ALA B 60 -3.81 12.30 -13.39
CA ALA B 60 -3.16 12.66 -14.65
C ALA B 60 -2.95 11.40 -15.47
N PRO B 61 -2.84 11.54 -16.79
CA PRO B 61 -2.53 10.40 -17.64
C PRO B 61 -1.01 10.20 -17.70
N LEU B 62 -0.58 9.03 -18.14
CA LEU B 62 0.84 8.70 -18.18
C LEU B 62 1.30 8.59 -19.62
N HIS B 63 2.49 9.12 -19.88
CA HIS B 63 3.13 8.88 -21.18
C HIS B 63 3.82 7.54 -21.10
N ILE B 64 3.91 6.88 -22.24
CA ILE B 64 4.51 5.56 -22.33
C ILE B 64 5.36 5.49 -23.60
N LYS B 65 6.57 4.95 -23.49
CA LYS B 65 7.50 4.92 -24.61
C LYS B 65 8.03 3.52 -24.86
N ASN B 66 7.98 3.06 -26.13
CA ASN B 66 8.64 1.81 -26.51
C ASN B 66 10.12 2.08 -26.79
N LEU B 67 10.98 1.43 -26.03
CA LEU B 67 12.42 1.65 -26.16
C LEU B 67 13.02 0.76 -27.27
N GLU B 68 14.22 1.13 -27.70
CA GLU B 68 14.89 0.41 -28.79
C GLU B 68 15.15 -1.03 -28.41
N ASN B 69 15.40 -1.27 -27.12
CA ASN B 69 15.71 -2.61 -26.63
C ASN B 69 14.47 -3.47 -26.40
N GLY B 70 13.30 -2.94 -26.72
CA GLY B 70 12.06 -3.71 -26.57
C GLY B 70 11.30 -3.43 -25.28
N MSE B 71 11.98 -2.88 -24.28
N MSE B 71 12.00 -2.88 -24.28
CA MSE B 71 11.31 -2.57 -23.03
CA MSE B 71 11.37 -2.54 -22.99
C MSE B 71 10.36 -1.40 -23.19
C MSE B 71 10.37 -1.40 -23.18
O MSE B 71 10.48 -0.61 -24.12
O MSE B 71 10.48 -0.62 -24.12
CB MSE B 71 12.33 -2.27 -21.94
CB MSE B 71 12.40 -2.13 -21.95
CG MSE B 71 13.17 -3.47 -21.56
CG MSE B 71 13.32 -3.25 -21.45
SE MSE B 71 14.57 -2.98 -20.33
SE MSE B 71 14.45 -2.66 -19.98
CE MSE B 71 13.50 -2.47 -18.81
CE MSE B 71 15.56 -4.25 -19.81
N ILE B 72 9.42 -1.30 -22.25
CA ILE B 72 8.44 -0.22 -22.26
C ILE B 72 8.65 0.64 -21.02
N SER B 73 8.78 1.94 -21.24
CA SER B 73 9.07 2.90 -20.18
C SER B 73 7.85 3.77 -19.90
N VAL B 74 7.45 3.84 -18.64
CA VAL B 74 6.22 4.53 -18.25
C VAL B 74 6.51 5.68 -17.30
N GLU B 75 5.95 6.84 -17.60
CA GLU B 75 6.10 8.03 -16.77
C GLU B 75 5.24 7.92 -15.51
N GLY B 76 5.31 6.78 -14.84
CA GLY B 76 4.44 6.56 -13.68
C GLY B 76 5.06 5.65 -12.65
N THR B 77 4.24 5.23 -11.69
CA THR B 77 4.70 4.38 -10.58
C THR B 77 4.82 2.92 -11.00
N PRO B 78 5.46 2.10 -10.15
CA PRO B 78 5.55 0.65 -10.40
C PRO B 78 4.16 -0.02 -10.49
N THR B 79 3.23 0.40 -9.64
CA THR B 79 1.89 -0.15 -9.68
C THR B 79 1.18 0.30 -10.95
N ASP B 80 1.39 1.55 -11.34
CA ASP B 80 0.89 2.07 -12.63
C ASP B 80 1.33 1.13 -13.75
N CYS B 81 2.62 0.79 -13.76
CA CYS B 81 3.19 -0.07 -14.81
C CYS B 81 2.44 -1.38 -14.95
N VAL B 82 2.34 -2.13 -13.86
CA VAL B 82 1.72 -3.45 -13.90
C VAL B 82 0.23 -3.31 -14.21
N HIS B 83 -0.41 -2.33 -13.58
CA HIS B 83 -1.85 -2.16 -13.75
C HIS B 83 -2.19 -1.82 -15.21
N LEU B 84 -1.48 -0.84 -15.76
CA LEU B 84 -1.65 -0.49 -17.16
C LEU B 84 -1.35 -1.68 -18.06
N ALA B 85 -0.29 -2.41 -17.75
CA ALA B 85 0.13 -3.55 -18.58
C ALA B 85 -0.95 -4.63 -18.68
N ILE B 86 -1.68 -4.86 -17.59
CA ILE B 86 -2.69 -5.92 -17.58
C ILE B 86 -4.10 -5.40 -17.86
N THR B 87 -4.21 -4.12 -18.21
CA THR B 87 -5.50 -3.53 -18.56
C THR B 87 -5.52 -2.86 -19.94
N GLY B 88 -4.70 -3.35 -20.86
CA GLY B 88 -4.78 -2.91 -22.24
C GLY B 88 -3.50 -2.44 -22.90
N VAL B 89 -2.48 -2.11 -22.11
CA VAL B 89 -1.25 -1.59 -22.70
C VAL B 89 -0.46 -2.69 -23.42
N LEU B 90 -0.44 -3.88 -22.85
CA LEU B 90 0.16 -5.02 -23.52
C LEU B 90 -0.87 -5.68 -24.45
N PRO B 91 -0.44 -6.06 -25.66
CA PRO B 91 -1.34 -6.71 -26.62
C PRO B 91 -1.84 -8.07 -26.13
N GLU B 92 -0.99 -8.80 -25.40
CA GLU B 92 -1.38 -10.10 -24.87
C GLU B 92 -1.21 -10.19 -23.34
N MSE B 93 -2.17 -10.83 -22.67
CA MSE B 93 -2.19 -10.91 -21.22
C MSE B 93 -1.05 -11.79 -20.67
O MSE B 93 -0.92 -12.95 -21.07
CB MSE B 93 -3.53 -11.46 -20.74
CG MSE B 93 -3.77 -11.43 -19.24
SE MSE B 93 -3.91 -9.63 -18.49
CE MSE B 93 -4.90 -8.76 -19.92
N PRO B 94 -0.22 -11.24 -19.76
CA PRO B 94 0.85 -12.05 -19.18
C PRO B 94 0.31 -13.07 -18.19
N ASP B 95 1.10 -14.10 -17.91
CA ASP B 95 0.71 -15.17 -17.00
C ASP B 95 1.12 -14.89 -15.56
N MSE B 96 2.24 -14.21 -15.38
N MSE B 96 2.20 -14.15 -15.37
CA MSE B 96 2.69 -13.84 -14.04
CA MSE B 96 2.64 -13.80 -14.03
C MSE B 96 3.50 -12.54 -14.06
C MSE B 96 3.61 -12.63 -14.01
O MSE B 96 3.96 -12.09 -15.10
O MSE B 96 4.31 -12.35 -14.99
CB MSE B 96 3.53 -14.96 -13.39
CB MSE B 96 3.29 -15.01 -13.35
CG MSE B 96 4.86 -15.26 -14.09
CG MSE B 96 4.32 -15.73 -14.20
SE MSE B 96 5.97 -16.60 -13.13
SE MSE B 96 5.03 -17.30 -13.28
CE MSE B 96 4.58 -17.87 -12.65
CE MSE B 96 5.91 -16.39 -11.80
N VAL B 97 3.65 -11.94 -12.88
CA VAL B 97 4.48 -10.76 -12.71
C VAL B 97 5.72 -11.12 -11.91
N VAL B 98 6.87 -10.64 -12.37
CA VAL B 98 8.09 -10.70 -11.56
C VAL B 98 8.64 -9.28 -11.47
N ALA B 99 8.84 -8.78 -10.25
CA ALA B 99 9.30 -7.41 -10.06
C ALA B 99 10.67 -7.39 -9.40
N GLY B 100 11.59 -6.65 -10.00
CA GLY B 100 12.97 -6.59 -9.54
C GLY B 100 13.93 -6.60 -10.72
N ILE B 101 15.21 -6.91 -10.49
CA ILE B 101 15.74 -7.20 -9.17
C ILE B 101 16.07 -5.91 -8.46
N ASN B 102 15.48 -5.69 -7.29
CA ASN B 102 15.65 -4.42 -6.61
C ASN B 102 17.07 -4.19 -6.10
N ALA B 103 17.53 -2.95 -6.28
CA ALA B 103 18.80 -2.49 -5.73
C ALA B 103 18.61 -2.26 -4.24
N GLY B 104 18.71 -3.32 -3.45
CA GLY B 104 18.51 -3.19 -2.02
C GLY B 104 17.46 -4.11 -1.47
N PRO B 105 17.55 -4.42 -0.17
CA PRO B 105 16.63 -5.39 0.44
C PRO B 105 15.27 -4.77 0.66
N ASN B 106 14.25 -5.62 0.62
CA ASN B 106 12.93 -5.24 1.10
C ASN B 106 12.50 -6.20 2.19
N LEU B 107 12.88 -5.87 3.43
CA LEU B 107 12.68 -6.76 4.57
C LEU B 107 11.83 -6.10 5.63
N GLY B 108 11.11 -6.92 6.39
CA GLY B 108 10.31 -6.45 7.51
C GLY B 108 9.34 -5.33 7.16
N ASP B 109 9.29 -4.31 8.01
CA ASP B 109 8.34 -3.22 7.82
C ASP B 109 8.54 -2.50 6.48
N ASP B 110 9.75 -2.57 5.94
CA ASP B 110 10.04 -1.84 4.70
C ASP B 110 9.11 -2.27 3.55
N VAL B 111 8.64 -3.50 3.60
CA VAL B 111 7.82 -4.04 2.51
C VAL B 111 6.51 -3.27 2.32
N TRP B 112 6.05 -2.62 3.38
CA TRP B 112 4.82 -1.84 3.30
C TRP B 112 4.92 -0.64 2.35
N TYR B 113 6.15 -0.14 2.16
CA TYR B 113 6.37 1.08 1.39
C TYR B 113 7.01 0.80 0.04
N SER B 114 7.38 -0.46 -0.18
CA SER B 114 8.15 -0.87 -1.35
C SER B 114 7.34 -0.85 -2.65
N GLY B 115 7.83 -0.12 -3.64
CA GLY B 115 7.23 -0.15 -4.96
C GLY B 115 7.49 -1.47 -5.65
N THR B 116 8.60 -2.12 -5.35
CA THR B 116 8.89 -3.44 -5.93
C THR B 116 7.90 -4.49 -5.46
N VAL B 117 7.64 -4.51 -4.16
CA VAL B 117 6.65 -5.42 -3.62
C VAL B 117 5.28 -5.09 -4.20
N ALA B 118 4.97 -3.80 -4.32
CA ALA B 118 3.67 -3.37 -4.81
C ALA B 118 3.40 -3.84 -6.25
N ALA B 119 4.42 -3.77 -7.11
CA ALA B 119 4.25 -4.25 -8.49
C ALA B 119 3.86 -5.74 -8.52
N ALA B 120 4.54 -6.53 -7.70
CA ALA B 120 4.21 -7.96 -7.56
C ALA B 120 2.77 -8.14 -7.07
N MSE B 121 2.39 -7.41 -6.03
N MSE B 121 2.39 -7.40 -6.04
CA MSE B 121 1.03 -7.50 -5.50
CA MSE B 121 1.04 -7.47 -5.48
C MSE B 121 -0.01 -7.24 -6.60
C MSE B 121 -0.03 -7.19 -6.55
O MSE B 121 -1.06 -7.89 -6.63
O MSE B 121 -1.12 -7.76 -6.52
CB MSE B 121 0.82 -6.50 -4.36
CB MSE B 121 0.91 -6.49 -4.32
CG MSE B 121 1.58 -6.81 -3.07
CG MSE B 121 -0.45 -6.48 -3.63
SE MSE B 121 0.76 -8.20 -1.98
SE MSE B 121 -0.88 -8.20 -2.79
CE MSE B 121 -0.99 -8.29 -2.83
CE MSE B 121 0.48 -8.20 -1.40
N GLU B 122 0.29 -6.31 -7.50
CA GLU B 122 -0.65 -5.99 -8.58
C GLU B 122 -0.82 -7.20 -9.51
N GLY B 123 0.14 -8.12 -9.50
CA GLY B 123 0.04 -9.34 -10.27
C GLY B 123 -0.83 -10.43 -9.64
N ARG B 124 -1.49 -10.11 -8.53
CA ARG B 124 -2.35 -11.08 -7.85
C ARG B 124 -3.56 -11.40 -8.73
N PHE B 125 -3.92 -10.47 -9.62
CA PHE B 125 -5.05 -10.70 -10.53
C PHE B 125 -4.78 -11.79 -11.58
N LEU B 126 -3.51 -12.14 -11.78
CA LEU B 126 -3.16 -13.11 -12.82
C LEU B 126 -3.31 -14.57 -12.34
N GLY B 127 -3.04 -15.51 -13.24
CA GLY B 127 -3.26 -16.92 -12.94
C GLY B 127 -2.16 -17.64 -12.20
N LEU B 128 -0.95 -17.08 -12.21
CA LEU B 128 0.19 -17.69 -11.55
C LEU B 128 0.71 -16.79 -10.41
N PRO B 129 1.59 -17.33 -9.55
CA PRO B 129 2.13 -16.52 -8.46
C PRO B 129 2.86 -15.29 -8.95
N ALA B 130 2.90 -14.24 -8.15
CA ALA B 130 3.70 -13.07 -8.47
C ALA B 130 4.92 -13.06 -7.55
N LEU B 131 6.06 -12.67 -8.10
CA LEU B 131 7.30 -12.63 -7.34
C LEU B 131 7.87 -11.21 -7.27
N ALA B 132 8.26 -10.80 -6.07
CA ALA B 132 9.06 -9.60 -5.91
C ALA B 132 10.44 -10.10 -5.51
N VAL B 133 11.49 -9.55 -6.13
N VAL B 133 11.49 -9.55 -6.13
CA VAL B 133 12.85 -10.01 -5.90
CA VAL B 133 12.84 -10.03 -5.89
C VAL B 133 13.78 -8.86 -5.58
C VAL B 133 13.82 -8.89 -5.61
N SER B 134 14.51 -8.97 -4.48
CA SER B 134 15.40 -7.91 -4.02
C SER B 134 16.79 -8.46 -3.71
N LEU B 135 17.81 -7.74 -4.12
CA LEU B 135 19.19 -8.07 -3.80
C LEU B 135 19.62 -7.28 -2.58
N GLY B 136 20.17 -7.97 -1.58
CA GLY B 136 20.53 -7.33 -0.33
C GLY B 136 21.81 -6.51 -0.40
N GLY B 137 22.12 -5.81 0.70
CA GLY B 137 23.35 -5.05 0.81
C GLY B 137 23.25 -3.64 0.26
N GLU B 138 24.42 -3.06 -0.05
CA GLU B 138 24.49 -1.71 -0.58
C GLU B 138 25.40 -1.68 -1.81
N LEU B 139 25.97 -2.84 -2.13
CA LEU B 139 27.00 -2.94 -3.16
C LEU B 139 26.46 -3.53 -4.47
N PHE B 140 25.55 -4.49 -4.35
CA PHE B 140 24.88 -5.07 -5.51
C PHE B 140 25.85 -5.66 -6.55
N ARG B 141 26.64 -6.63 -6.11
CA ARG B 141 27.68 -7.23 -6.94
C ARG B 141 27.21 -8.46 -7.71
N TYR B 142 26.22 -9.17 -7.17
CA TYR B 142 25.78 -10.42 -7.76
C TYR B 142 24.29 -10.42 -8.13
N TYR B 143 23.91 -9.56 -9.07
CA TYR B 143 22.55 -9.57 -9.58
C TYR B 143 22.24 -10.92 -10.21
N GLU B 144 23.27 -11.54 -10.80
CA GLU B 144 23.11 -12.84 -11.45
C GLU B 144 22.64 -13.92 -10.49
N THR B 145 23.01 -13.79 -9.22
CA THR B 145 22.58 -14.74 -8.21
C THR B 145 21.08 -14.67 -8.01
N ALA B 146 20.57 -13.46 -7.83
CA ALA B 146 19.13 -13.26 -7.65
C ALA B 146 18.39 -13.78 -8.87
N ALA B 147 18.90 -13.47 -10.05
CA ALA B 147 18.28 -13.92 -11.29
C ALA B 147 18.24 -15.44 -11.38
N LYS B 148 19.30 -16.10 -10.94
CA LYS B 148 19.34 -17.56 -10.98
C LYS B 148 18.30 -18.14 -10.03
N VAL B 149 18.22 -17.57 -8.83
CA VAL B 149 17.19 -17.98 -7.88
C VAL B 149 15.79 -17.92 -8.49
N VAL B 150 15.49 -16.80 -9.15
CA VAL B 150 14.17 -16.62 -9.74
C VAL B 150 13.92 -17.60 -10.86
N TYR B 151 14.91 -17.77 -11.72
CA TYR B 151 14.83 -18.74 -12.79
C TYR B 151 14.40 -20.10 -12.24
N GLN B 152 14.99 -20.48 -11.12
CA GLN B 152 14.70 -21.78 -10.51
C GLN B 152 13.29 -21.85 -9.95
N LEU B 153 12.86 -20.76 -9.30
CA LEU B 153 11.50 -20.70 -8.75
C LEU B 153 10.45 -20.84 -9.84
N ILE B 154 10.67 -20.18 -10.97
CA ILE B 154 9.70 -20.25 -12.05
C ILE B 154 9.62 -21.65 -12.64
N GLN B 155 10.76 -22.26 -12.95
CA GLN B 155 10.76 -23.62 -13.48
C GLN B 155 9.96 -24.55 -12.57
N ARG B 156 10.16 -24.41 -11.26
CA ARG B 156 9.45 -25.24 -10.30
C ARG B 156 7.95 -24.93 -10.29
N ILE B 157 7.59 -23.66 -10.31
CA ILE B 157 6.19 -23.24 -10.33
C ILE B 157 5.44 -23.89 -11.49
N GLU B 158 6.12 -24.08 -12.60
CA GLU B 158 5.52 -24.76 -13.75
C GLU B 158 5.23 -26.23 -13.45
N LYS B 159 6.16 -26.88 -12.75
CA LYS B 159 6.03 -28.31 -12.42
C LYS B 159 5.14 -28.56 -11.21
N ASP B 160 5.02 -27.56 -10.34
CA ASP B 160 4.47 -27.76 -9.01
C ASP B 160 3.77 -26.49 -8.59
N PRO B 161 2.50 -26.36 -8.97
CA PRO B 161 1.71 -25.14 -8.76
C PRO B 161 1.55 -24.73 -7.30
N LEU B 162 1.56 -23.42 -7.05
CA LEU B 162 1.24 -22.87 -5.75
C LEU B 162 -0.21 -22.40 -5.76
N PRO B 163 -0.80 -22.18 -4.58
CA PRO B 163 -2.18 -21.66 -4.53
C PRO B 163 -2.29 -20.38 -5.34
N PRO B 164 -3.43 -20.17 -6.01
CA PRO B 164 -3.63 -18.94 -6.80
C PRO B 164 -3.52 -17.70 -5.91
N SER B 165 -3.11 -16.58 -6.49
CA SER B 165 -2.91 -15.33 -5.75
C SER B 165 -1.83 -15.44 -4.68
N THR B 166 -0.87 -16.32 -4.90
CA THR B 166 0.32 -16.41 -4.06
C THR B 166 1.27 -15.27 -4.45
N ILE B 167 1.66 -14.45 -3.48
CA ILE B 167 2.60 -13.36 -3.73
C ILE B 167 3.82 -13.61 -2.86
N LEU B 168 4.98 -13.80 -3.49
CA LEU B 168 6.19 -14.12 -2.75
C LEU B 168 7.17 -12.97 -2.72
N ASN B 169 7.59 -12.59 -1.52
CA ASN B 169 8.61 -11.58 -1.35
C ASN B 169 9.96 -12.23 -1.16
N ILE B 170 10.82 -12.10 -2.16
CA ILE B 170 12.09 -12.84 -2.16
C ILE B 170 13.26 -11.89 -1.95
N ASN B 171 14.10 -12.19 -0.97
CA ASN B 171 15.34 -11.46 -0.78
C ASN B 171 16.54 -12.38 -0.93
N VAL B 172 17.55 -11.92 -1.66
CA VAL B 172 18.71 -12.74 -1.98
C VAL B 172 20.00 -12.09 -1.48
N PRO B 173 20.78 -12.84 -0.68
CA PRO B 173 22.08 -12.31 -0.23
C PRO B 173 22.93 -11.92 -1.45
N ASP B 174 23.65 -10.81 -1.36
CA ASP B 174 24.55 -10.41 -2.45
C ASP B 174 25.83 -11.25 -2.42
N LEU B 175 25.69 -12.53 -2.76
CA LEU B 175 26.80 -13.47 -2.73
C LEU B 175 26.79 -14.31 -4.00
N PRO B 176 27.92 -14.97 -4.30
CA PRO B 176 27.91 -15.97 -5.37
C PRO B 176 26.90 -17.04 -5.03
N TYR B 177 26.25 -17.62 -6.03
CA TYR B 177 25.22 -18.63 -5.79
C TYR B 177 25.75 -19.75 -4.89
N GLU B 178 27.00 -20.13 -5.12
CA GLU B 178 27.60 -21.25 -4.40
C GLU B 178 27.76 -20.96 -2.91
N GLU B 179 27.79 -19.69 -2.55
CA GLU B 179 27.97 -19.30 -1.15
C GLU B 179 26.65 -19.18 -0.40
N LEU B 180 25.54 -19.27 -1.12
CA LEU B 180 24.22 -19.25 -0.50
C LEU B 180 24.06 -20.44 0.45
N LYS B 181 23.53 -20.19 1.63
CA LYS B 181 23.40 -21.22 2.66
C LYS B 181 22.10 -22.00 2.61
N GLY B 182 21.19 -21.60 1.71
CA GLY B 182 19.92 -22.31 1.56
C GLY B 182 18.75 -21.39 1.20
N PHE B 183 17.55 -21.99 1.14
CA PHE B 183 16.30 -21.25 0.93
C PHE B 183 15.44 -21.37 2.18
N GLU B 184 14.94 -20.24 2.68
CA GLU B 184 14.07 -20.29 3.86
C GLU B 184 12.75 -19.56 3.71
N VAL B 185 11.68 -20.20 4.17
CA VAL B 185 10.38 -19.54 4.28
C VAL B 185 10.37 -18.75 5.57
N THR B 186 10.10 -17.46 5.47
CA THR B 186 10.28 -16.57 6.61
C THR B 186 9.05 -15.70 6.85
N ARG B 187 8.96 -15.17 8.07
CA ARG B 187 7.97 -14.13 8.35
C ARG B 187 8.62 -12.76 8.23
N LEU B 188 7.81 -11.72 8.14
CA LEU B 188 8.32 -10.35 8.12
C LEU B 188 8.85 -9.94 9.49
N GLY B 189 10.12 -9.56 9.55
CA GLY B 189 10.67 -9.04 10.80
C GLY B 189 10.06 -7.68 11.10
N THR B 190 10.46 -7.07 12.21
CA THR B 190 9.98 -5.73 12.54
C THR B 190 11.13 -4.80 12.90
N ARG B 191 10.85 -3.50 12.88
CA ARG B 191 11.80 -2.49 13.33
C ARG B 191 11.27 -1.77 14.57
N HIS B 192 12.17 -1.09 15.27
CA HIS B 192 11.76 -0.18 16.32
C HIS B 192 11.16 1.08 15.70
N ARG B 193 10.62 1.94 16.55
CA ARG B 193 10.02 3.20 16.10
C ARG B 193 10.88 3.93 15.08
N ALA B 194 10.25 4.58 14.11
CA ALA B 194 10.96 5.31 13.08
C ALA B 194 11.69 6.51 13.69
N GLU B 195 12.79 6.92 13.06
CA GLU B 195 13.55 8.08 13.52
C GLU B 195 12.73 9.34 13.35
N PRO B 196 13.00 10.35 14.18
CA PRO B 196 12.24 11.60 14.09
C PRO B 196 12.46 12.31 12.77
N THR B 197 11.52 13.17 12.43
CA THR B 197 11.69 14.02 11.25
C THR B 197 12.86 14.96 11.50
N ILE B 198 13.52 15.35 10.42
CA ILE B 198 14.65 16.27 10.47
C ILE B 198 14.25 17.60 9.86
N ARG B 199 14.23 18.64 10.70
CA ARG B 199 13.83 19.98 10.25
C ARG B 199 15.06 20.81 9.95
N GLN B 200 15.09 21.39 8.76
CA GLN B 200 16.16 22.30 8.37
C GLN B 200 15.54 23.56 7.81
N ILE B 201 16.37 24.53 7.48
CA ILE B 201 15.89 25.76 6.88
C ILE B 201 16.39 25.85 5.45
N ASP B 202 15.47 26.06 4.50
CA ASP B 202 15.88 26.21 3.09
C ASP B 202 16.43 27.61 2.84
N PRO B 203 17.15 27.79 1.73
CA PRO B 203 17.89 29.02 1.43
C PRO B 203 17.06 30.30 1.51
N ARG B 204 15.74 30.18 1.50
CA ARG B 204 14.90 31.36 1.57
C ARG B 204 14.27 31.49 2.95
N GLY B 205 14.71 30.64 3.87
CA GLY B 205 14.29 30.72 5.25
C GLY B 205 12.96 30.05 5.52
N HIS B 206 12.56 29.17 4.62
CA HIS B 206 11.37 28.36 4.83
C HIS B 206 11.82 27.03 5.42
N PRO B 207 11.09 26.55 6.43
CA PRO B 207 11.49 25.29 7.06
C PRO B 207 11.19 24.14 6.13
N ILE B 208 12.01 23.10 6.17
CA ILE B 208 11.73 21.89 5.42
C ILE B 208 11.91 20.71 6.37
N TYR B 209 11.22 19.62 6.08
CA TYR B 209 11.22 18.47 6.94
C TYR B 209 11.49 17.19 6.16
N TRP B 210 12.52 16.46 6.55
CA TRP B 210 12.79 15.16 5.96
C TRP B 210 12.05 14.09 6.73
N VAL B 211 11.52 13.10 6.01
CA VAL B 211 11.12 11.85 6.64
C VAL B 211 12.35 11.14 7.17
N GLY B 212 12.35 10.81 8.46
CA GLY B 212 13.51 10.19 9.06
C GLY B 212 13.77 8.78 8.57
N ALA B 213 14.96 8.27 8.85
CA ALA B 213 15.30 6.90 8.50
C ALA B 213 14.48 5.90 9.32
N ALA B 214 14.33 4.69 8.80
CA ALA B 214 13.66 3.62 9.54
C ALA B 214 14.44 3.28 10.80
N GLY B 215 13.73 2.83 11.83
CA GLY B 215 14.37 2.48 13.09
C GLY B 215 15.17 1.19 13.00
N PRO B 216 15.98 0.91 14.04
CA PRO B 216 16.78 -0.32 14.06
C PRO B 216 15.91 -1.57 14.05
N GLU B 217 16.49 -2.69 13.62
CA GLU B 217 15.78 -3.96 13.64
C GLU B 217 15.34 -4.35 15.05
N GLN B 218 14.09 -4.77 15.18
CA GLN B 218 13.56 -5.20 16.48
C GLN B 218 13.37 -6.71 16.50
N ASP B 219 12.27 -7.18 15.93
CA ASP B 219 12.04 -8.62 15.79
C ASP B 219 12.85 -9.10 14.60
N SER B 220 14.08 -9.54 14.84
CA SER B 220 14.96 -10.01 13.77
C SER B 220 15.60 -11.36 14.08
N GLY B 221 14.91 -12.17 14.87
CA GLY B 221 15.44 -13.47 15.28
C GLY B 221 15.17 -14.57 14.29
N PRO B 222 15.58 -15.81 14.63
CA PRO B 222 15.33 -16.98 13.79
C PRO B 222 13.88 -17.04 13.32
N GLY B 223 13.68 -17.27 12.02
CA GLY B 223 12.34 -17.33 11.47
C GLY B 223 11.95 -16.07 10.73
N THR B 224 12.65 -14.95 10.98
CA THR B 224 12.39 -13.70 10.27
C THR B 224 13.18 -13.58 8.98
N ASP B 225 12.74 -12.69 8.10
CA ASP B 225 13.47 -12.43 6.86
C ASP B 225 14.83 -11.77 7.17
N PHE B 226 14.88 -10.84 8.11
CA PHE B 226 16.16 -10.25 8.51
C PHE B 226 17.18 -11.34 8.86
N PHE B 227 16.76 -12.28 9.69
CA PHE B 227 17.69 -13.29 10.18
C PHE B 227 18.24 -14.16 9.05
N ALA B 228 17.35 -14.61 8.17
CA ALA B 228 17.75 -15.42 7.03
C ALA B 228 18.80 -14.70 6.19
N MSE B 229 18.54 -13.42 5.90
CA MSE B 229 19.49 -12.63 5.13
C MSE B 229 20.80 -12.42 5.89
O MSE B 229 21.88 -12.56 5.32
CB MSE B 229 18.87 -11.29 4.73
CG MSE B 229 17.82 -11.45 3.64
SE MSE B 229 18.66 -11.85 1.93
CE MSE B 229 19.18 -10.05 1.43
N ASN B 230 20.70 -12.08 7.17
CA ASN B 230 21.91 -11.88 7.98
C ASN B 230 22.74 -13.16 8.07
N HIS B 231 22.15 -14.28 7.67
CA HIS B 231 22.83 -15.58 7.73
C HIS B 231 23.05 -16.23 6.37
N HIS B 232 22.97 -15.42 5.31
CA HIS B 232 23.32 -15.87 3.96
C HIS B 232 22.31 -16.86 3.36
N CYS B 233 21.07 -16.79 3.81
CA CYS B 233 19.99 -17.58 3.21
C CYS B 233 19.10 -16.70 2.35
N VAL B 234 18.63 -17.26 1.24
CA VAL B 234 17.55 -16.63 0.49
C VAL B 234 16.30 -16.66 1.37
N SER B 235 15.63 -15.52 1.48
CA SER B 235 14.42 -15.41 2.29
C SER B 235 13.19 -15.35 1.38
N ILE B 236 12.20 -16.18 1.68
CA ILE B 236 10.95 -16.18 0.93
C ILE B 236 9.77 -16.01 1.87
N THR B 237 9.07 -14.89 1.75
CA THR B 237 7.89 -14.61 2.57
C THR B 237 6.63 -14.53 1.73
N PRO B 238 5.62 -15.34 2.07
CA PRO B 238 4.34 -15.25 1.35
C PRO B 238 3.52 -14.10 1.93
N LEU B 239 2.93 -13.26 1.08
CA LEU B 239 2.22 -12.07 1.56
C LEU B 239 0.72 -12.19 1.45
N ARG B 240 0.00 -11.62 2.43
CA ARG B 240 -1.44 -11.68 2.44
C ARG B 240 -2.02 -10.81 1.33
N VAL B 241 -3.09 -11.28 0.70
CA VAL B 241 -3.82 -10.46 -0.26
C VAL B 241 -5.15 -9.98 0.32
N ASP B 242 -5.45 -10.43 1.53
CA ASP B 242 -6.65 -10.00 2.24
C ASP B 242 -6.23 -9.33 3.56
N LEU B 243 -6.49 -8.04 3.66
CA LEU B 243 -6.08 -7.24 4.81
C LEU B 243 -7.09 -7.27 5.98
N THR B 244 -8.15 -8.05 5.84
CA THR B 244 -9.12 -8.21 6.92
C THR B 244 -8.51 -8.86 8.16
N HIS B 245 -8.67 -8.23 9.32
CA HIS B 245 -8.10 -8.75 10.56
C HIS B 245 -9.13 -9.65 11.25
N TYR B 246 -9.22 -10.90 10.79
CA TYR B 246 -10.24 -11.82 11.30
C TYR B 246 -10.12 -12.06 12.80
N GLU B 247 -8.89 -12.05 13.32
CA GLU B 247 -8.66 -12.25 14.74
C GLU B 247 -9.35 -11.19 15.59
N ALA B 248 -9.63 -10.03 14.98
CA ALA B 248 -10.23 -8.92 15.70
C ALA B 248 -11.77 -8.96 15.72
N PHE B 249 -12.36 -9.88 14.96
CA PHE B 249 -13.80 -9.89 14.80
C PHE B 249 -14.56 -10.06 16.11
N ASP B 250 -14.09 -10.96 16.96
CA ASP B 250 -14.83 -11.27 18.19
C ASP B 250 -15.03 -10.02 19.04
N GLN B 251 -13.93 -9.33 19.34
CA GLN B 251 -14.02 -8.13 20.16
C GLN B 251 -14.73 -6.98 19.45
N LEU B 252 -14.48 -6.82 18.16
CA LEU B 252 -15.07 -5.72 17.42
C LEU B 252 -16.57 -5.92 17.20
N ALA B 253 -16.96 -7.16 16.91
CA ALA B 253 -18.36 -7.47 16.67
C ALA B 253 -19.20 -7.27 17.93
N SER B 254 -18.66 -7.67 19.08
CA SER B 254 -19.38 -7.50 20.35
C SER B 254 -19.48 -6.01 20.65
N TRP B 255 -18.39 -5.28 20.39
CA TRP B 255 -18.37 -3.83 20.53
C TRP B 255 -19.42 -3.15 19.63
N VAL B 256 -19.53 -3.57 18.37
CA VAL B 256 -20.56 -3.02 17.48
C VAL B 256 -21.97 -3.36 17.95
N LYS B 257 -22.15 -4.58 18.45
CA LYS B 257 -23.45 -5.00 19.00
C LYS B 257 -23.86 -4.06 20.15
N ARG B 258 -22.90 -3.67 20.98
CA ARG B 258 -23.19 -2.75 22.10
C ARG B 258 -23.55 -1.34 21.65
N LEU B 259 -23.30 -1.03 20.38
CA LEU B 259 -23.59 0.29 19.83
C LEU B 259 -25.05 0.44 19.40
N GLU B 260 -25.78 -0.67 19.31
CA GLU B 260 -27.16 -0.61 18.87
C GLU B 260 -28.00 0.30 19.79
N MSE B 261 -27.35 0.87 20.81
CA MSE B 261 -27.92 1.96 21.60
C MSE B 261 -26.90 2.58 22.57
O MSE B 261 -27.21 3.56 23.25
OXT MSE B 261 -25.75 2.13 22.69
CB MSE B 261 -29.18 1.52 22.34
CG MSE B 261 -30.33 2.51 22.20
SE MSE B 261 -31.08 2.58 20.40
CE MSE B 261 -32.02 4.28 20.50
C TRS C . 11.48 4.72 6.01
C1 TRS C . 12.49 5.46 5.12
C2 TRS C . 10.29 4.25 5.20
C3 TRS C . 11.06 5.59 7.19
N TRS C . 12.13 3.51 6.51
O1 TRS C . 13.79 5.39 5.67
O2 TRS C . 10.76 3.25 4.32
O3 TRS C . 10.31 4.83 8.10
#